data_2ZXR
#
_entry.id   2ZXR
#
_cell.length_a   83.357
_cell.length_b   83.357
_cell.length_c   251.056
_cell.angle_alpha   90.00
_cell.angle_beta   90.00
_cell.angle_gamma   90.00
#
_symmetry.space_group_name_H-M   'P 43 21 2'
#
loop_
_entity.id
_entity.type
_entity.pdbx_description
1 polymer 'Single-stranded DNA specific exonuclease RecJ'
2 non-polymer 'MAGNESIUM ION'
3 water water
#
_entity_poly.entity_id   1
_entity_poly.type   'polypeptide(L)'
_entity_poly.pdbx_seq_one_letter_code
;MRDRVRWRVLSLPPLAQWREVMAALEVGPEAALAYWHRGFRRKEDLDPPLALLPLKGLREAAALLEEALRQGKRIRVHGD
YDADGLTGTAILVRGLAALGADVHPFIPHRLEEGYGVLMERVPEHLEASDLFLTVDCGITNHAELRELLENGVEVIVTDH
HTPGKTPPPGLVVHPALTPDLKEKPTGAGVAFLLLWALHERLGLPPPLEYADLAAVGTIADVAPLWGWNRALVKEGLARI
PASSWVGLRLLAEAVGYTGKAVEVAFRIAPRINAASRLGEAEKALRLLLTDDAAEAQALVGELHRLNARRQTLEEAMLRK
LLPQADPEAKAIVLLDPEGHPGVMGIVASRILEATLRPVFLVAQGKGTVRSLAPISAVEALRSAEDLLLRYGGHKEAAGF
AMDEALFPAFKARVEAYAARFPDPVREVALLDLLPEPGLLPQVFRELALLEPYGEGNPEPLFLLFGAPEEARRLGEGRHL
AFRLKGVRVLAWKQGDLALPPEVEVAGLLSENAWNGHLAYEVQAVDLRKPEALEGGIAPFAYPLPLLEALARARLGEGVY
VPEDNPEGLDYAWKAGFRLLPPEEAGLWLGLPPRPVLGRRVEVALGREARARLSAPPVLHTPEARLKALVHRRLLFAYER
RHPGLFSEALLAYWEVNRVQEPAGSP
;
_entity_poly.pdbx_strand_id   A
#
loop_
_chem_comp.id
_chem_comp.type
_chem_comp.name
_chem_comp.formula
MG non-polymer 'MAGNESIUM ION' 'Mg 2'
#
# COMPACT_ATOMS: atom_id res chain seq x y z
N MET A 1 12.86 13.81 -4.80
CA MET A 1 11.46 14.32 -4.96
C MET A 1 10.77 13.48 -6.04
N ARG A 2 11.31 13.56 -7.25
CA ARG A 2 10.83 12.83 -8.42
C ARG A 2 12.01 12.24 -9.19
N ASP A 3 13.20 12.78 -8.91
CA ASP A 3 14.43 12.32 -9.55
C ASP A 3 15.04 11.21 -8.70
N ARG A 4 14.41 10.94 -7.55
CA ARG A 4 14.86 9.88 -6.66
C ARG A 4 13.75 8.81 -6.57
N VAL A 5 12.95 8.72 -7.64
CA VAL A 5 11.86 7.77 -7.74
C VAL A 5 12.22 6.68 -8.75
N ARG A 6 12.35 5.45 -8.29
CA ARG A 6 12.70 4.33 -9.18
C ARG A 6 11.47 3.47 -9.49
N TRP A 7 11.26 3.13 -10.75
CA TRP A 7 10.16 2.24 -11.12
C TRP A 7 10.74 0.83 -11.26
N ARG A 8 10.06 -0.14 -10.68
CA ARG A 8 10.47 -1.53 -10.75
C ARG A 8 9.30 -2.43 -11.16
N VAL A 9 9.60 -3.43 -11.97
CA VAL A 9 8.58 -4.38 -12.42
C VAL A 9 8.68 -5.63 -11.58
N LEU A 10 7.59 -6.01 -10.94
CA LEU A 10 7.59 -7.22 -10.13
C LEU A 10 7.99 -8.45 -10.96
N SER A 11 8.73 -9.35 -10.34
CA SER A 11 9.23 -10.55 -11.00
C SER A 11 8.13 -11.50 -11.47
N LEU A 12 8.41 -12.28 -12.51
CA LEU A 12 7.41 -13.26 -12.95
C LEU A 12 7.61 -14.47 -12.05
N PRO A 13 6.49 -15.05 -11.58
CA PRO A 13 6.65 -16.22 -10.71
C PRO A 13 6.91 -17.46 -11.55
N PRO A 14 7.29 -18.58 -10.89
CA PRO A 14 7.53 -19.79 -11.69
C PRO A 14 6.19 -20.23 -12.29
N LEU A 15 6.23 -20.57 -13.57
CA LEU A 15 5.01 -20.96 -14.27
C LEU A 15 4.08 -21.98 -13.59
N ALA A 16 4.63 -23.07 -13.06
CA ALA A 16 3.77 -24.06 -12.42
C ALA A 16 3.03 -23.44 -11.23
N GLN A 17 3.65 -22.53 -10.49
CA GLN A 17 2.97 -21.89 -9.37
C GLN A 17 1.99 -20.83 -9.89
N TRP A 18 2.36 -20.14 -10.95
CA TRP A 18 1.48 -19.10 -11.52
C TRP A 18 0.18 -19.79 -11.91
N ARG A 19 0.34 -20.93 -12.58
CA ARG A 19 -0.79 -21.73 -13.01
C ARG A 19 -1.64 -22.25 -11.86
N GLU A 20 -0.97 -22.69 -10.78
CA GLU A 20 -1.68 -23.20 -9.60
C GLU A 20 -2.56 -22.10 -9.01
N VAL A 21 -2.05 -20.88 -8.95
CA VAL A 21 -2.82 -19.77 -8.40
C VAL A 21 -4.01 -19.45 -9.30
N MET A 22 -3.77 -19.40 -10.60
CA MET A 22 -4.84 -19.10 -11.53
C MET A 22 -5.98 -20.12 -11.42
N ALA A 23 -5.61 -21.38 -11.21
CA ALA A 23 -6.59 -22.46 -11.11
C ALA A 23 -7.32 -22.45 -9.79
N ALA A 24 -6.57 -22.31 -8.70
CA ALA A 24 -7.13 -22.34 -7.36
C ALA A 24 -7.91 -21.09 -6.96
N LEU A 25 -7.77 -20.01 -7.71
CA LEU A 25 -8.51 -18.79 -7.40
C LEU A 25 -9.44 -18.43 -8.54
N GLU A 26 -9.36 -19.20 -9.62
CA GLU A 26 -10.18 -18.99 -10.79
C GLU A 26 -10.04 -17.57 -11.37
N VAL A 27 -8.80 -17.18 -11.70
CA VAL A 27 -8.55 -15.86 -12.27
C VAL A 27 -7.50 -15.90 -13.37
N GLY A 28 -7.48 -14.86 -14.20
CA GLY A 28 -6.49 -14.77 -15.25
C GLY A 28 -5.08 -14.55 -14.71
N PRO A 29 -4.07 -14.47 -15.59
CA PRO A 29 -2.66 -14.28 -15.23
C PRO A 29 -2.28 -12.96 -14.50
N GLU A 30 -2.91 -11.84 -14.83
CA GLU A 30 -2.59 -10.57 -14.16
C GLU A 30 -2.89 -10.61 -12.68
N ALA A 31 -4.14 -10.88 -12.35
CA ALA A 31 -4.56 -10.96 -10.97
C ALA A 31 -3.79 -12.06 -10.22
N ALA A 32 -3.57 -13.19 -10.89
CA ALA A 32 -2.82 -14.28 -10.24
C ALA A 32 -1.42 -13.80 -9.89
N LEU A 33 -0.86 -12.92 -10.70
CA LEU A 33 0.47 -12.40 -10.44
C LEU A 33 0.43 -11.65 -9.09
N ALA A 34 -0.59 -10.82 -8.92
CA ALA A 34 -0.78 -10.03 -7.69
C ALA A 34 -0.98 -10.97 -6.49
N TYR A 35 -1.90 -11.93 -6.62
CA TYR A 35 -2.11 -12.87 -5.52
C TYR A 35 -0.82 -13.62 -5.17
N TRP A 36 -0.09 -14.10 -6.19
CA TRP A 36 1.15 -14.82 -5.91
C TRP A 36 2.10 -13.96 -5.07
N HIS A 37 2.25 -12.70 -5.45
CA HIS A 37 3.12 -11.77 -4.74
C HIS A 37 2.67 -11.45 -3.32
N ARG A 38 1.35 -11.39 -3.10
CA ARG A 38 0.80 -11.05 -1.80
C ARG A 38 0.65 -12.29 -0.96
N GLY A 39 1.11 -13.41 -1.48
CA GLY A 39 1.01 -14.67 -0.75
C GLY A 39 -0.34 -15.36 -0.77
N PHE A 40 -1.26 -14.94 -1.63
CA PHE A 40 -2.57 -15.60 -1.71
C PHE A 40 -2.44 -16.81 -2.65
N ARG A 41 -2.55 -18.02 -2.10
CA ARG A 41 -2.42 -19.23 -2.89
C ARG A 41 -3.70 -20.05 -3.06
N ARG A 42 -4.45 -20.23 -1.97
CA ARG A 42 -5.71 -20.99 -2.00
C ARG A 42 -6.88 -20.06 -1.76
N LYS A 43 -8.10 -20.51 -2.04
CA LYS A 43 -9.28 -19.67 -1.85
C LYS A 43 -9.42 -19.17 -0.40
N GLU A 44 -9.02 -19.98 0.56
CA GLU A 44 -9.12 -19.61 1.98
C GLU A 44 -8.11 -18.55 2.42
N ASP A 45 -7.23 -18.13 1.52
CA ASP A 45 -6.22 -17.12 1.82
C ASP A 45 -6.85 -15.76 1.55
N LEU A 46 -7.90 -15.77 0.73
CA LEU A 46 -8.62 -14.57 0.37
C LEU A 46 -9.61 -14.26 1.47
N ASP A 47 -10.10 -15.33 2.10
CA ASP A 47 -11.04 -15.18 3.19
C ASP A 47 -10.58 -15.95 4.39
N PRO A 48 -9.53 -15.45 5.05
CA PRO A 48 -9.02 -16.13 6.23
C PRO A 48 -10.14 -16.23 7.27
N PRO A 49 -10.04 -17.22 8.17
CA PRO A 49 -11.07 -17.37 9.21
C PRO A 49 -10.81 -16.33 10.29
N LEU A 50 -11.87 -15.73 10.81
CA LEU A 50 -11.69 -14.78 11.91
C LEU A 50 -11.72 -15.69 13.14
N ALA A 51 -10.60 -15.81 13.82
CA ALA A 51 -10.55 -16.68 14.98
C ALA A 51 -9.96 -15.99 16.19
N LEU A 52 -10.07 -16.63 17.34
CA LEU A 52 -9.51 -16.09 18.57
C LEU A 52 -8.02 -16.46 18.60
N LEU A 53 -7.15 -15.50 18.33
CA LEU A 53 -5.70 -15.71 18.33
C LEU A 53 -5.22 -15.99 19.74
N PRO A 54 -4.29 -16.95 19.90
CA PRO A 54 -3.74 -17.34 21.20
C PRO A 54 -2.61 -16.43 21.70
N LEU A 55 -2.92 -15.16 21.92
CA LEU A 55 -1.90 -14.21 22.38
C LEU A 55 -1.54 -14.57 23.81
N LYS A 56 -0.29 -14.32 24.17
CA LYS A 56 0.19 -14.60 25.50
C LYS A 56 -0.49 -13.65 26.48
N GLY A 57 -0.95 -14.20 27.61
CA GLY A 57 -1.60 -13.40 28.62
C GLY A 57 -3.10 -13.28 28.40
N LEU A 58 -3.57 -13.65 27.21
CA LEU A 58 -4.99 -13.54 26.88
C LEU A 58 -5.93 -14.31 27.80
N ARG A 59 -5.54 -15.54 28.13
CA ARG A 59 -6.34 -16.40 29.00
C ARG A 59 -6.37 -15.88 30.44
N GLU A 60 -5.21 -15.50 30.94
CA GLU A 60 -5.13 -15.01 32.30
C GLU A 60 -5.93 -13.71 32.38
N ALA A 61 -5.81 -12.88 31.35
CA ALA A 61 -6.54 -11.61 31.35
C ALA A 61 -8.05 -11.82 31.33
N ALA A 62 -8.51 -12.78 30.55
CA ALA A 62 -9.95 -13.05 30.50
C ALA A 62 -10.43 -13.64 31.84
N ALA A 63 -9.61 -14.49 32.46
CA ALA A 63 -9.99 -15.08 33.74
C ALA A 63 -10.14 -14.00 34.81
N LEU A 64 -9.24 -13.04 34.77
CA LEU A 64 -9.21 -11.94 35.69
C LEU A 64 -10.49 -11.14 35.53
N LEU A 65 -10.88 -10.91 34.28
CA LEU A 65 -12.08 -10.16 34.00
C LEU A 65 -13.34 -10.93 34.44
N GLU A 66 -13.34 -12.25 34.27
CA GLU A 66 -14.50 -13.03 34.71
C GLU A 66 -14.64 -12.83 36.24
N GLU A 67 -13.51 -12.85 36.94
CA GLU A 67 -13.55 -12.64 38.40
C GLU A 67 -14.09 -11.25 38.75
N ALA A 68 -13.61 -10.23 38.04
CA ALA A 68 -14.04 -8.86 38.27
C ALA A 68 -15.53 -8.74 38.04
N LEU A 69 -16.01 -9.37 36.99
CA LEU A 69 -17.42 -9.33 36.66
C LEU A 69 -18.29 -9.95 37.73
N ARG A 70 -17.95 -11.19 38.10
CA ARG A 70 -18.74 -11.91 39.10
C ARG A 70 -18.72 -11.24 40.46
N GLN A 71 -17.55 -10.75 40.87
CA GLN A 71 -17.39 -10.12 42.18
C GLN A 71 -17.78 -8.66 42.20
N GLY A 72 -18.22 -8.17 41.04
CA GLY A 72 -18.63 -6.78 40.95
C GLY A 72 -17.55 -5.75 41.19
N LYS A 73 -16.31 -6.07 40.81
CA LYS A 73 -15.18 -5.15 40.97
C LYS A 73 -15.31 -4.00 40.00
N ARG A 74 -14.80 -2.83 40.39
CA ARG A 74 -14.89 -1.64 39.55
C ARG A 74 -13.77 -1.58 38.51
N ILE A 75 -14.16 -1.68 37.25
CA ILE A 75 -13.25 -1.69 36.10
C ILE A 75 -13.13 -0.31 35.43
N ARG A 76 -11.91 0.17 35.24
CA ARG A 76 -11.75 1.47 34.57
C ARG A 76 -10.96 1.23 33.28
N VAL A 77 -11.46 1.81 32.18
CA VAL A 77 -10.81 1.61 30.89
C VAL A 77 -10.16 2.88 30.34
N HIS A 78 -8.90 2.77 29.94
CA HIS A 78 -8.20 3.94 29.41
C HIS A 78 -7.60 3.74 28.01
N GLY A 79 -7.81 4.72 27.14
CA GLY A 79 -7.29 4.69 25.78
C GLY A 79 -7.99 5.74 24.92
N ASP A 80 -7.37 6.92 24.79
CA ASP A 80 -8.01 7.98 24.02
C ASP A 80 -7.07 8.79 23.11
N TYR A 81 -5.88 8.26 22.87
CA TYR A 81 -4.94 8.99 22.05
C TYR A 81 -5.36 9.18 20.59
N ASP A 82 -5.98 8.15 20.01
CA ASP A 82 -6.36 8.18 18.61
C ASP A 82 -7.47 7.17 18.38
N ALA A 83 -7.93 7.03 17.14
CA ALA A 83 -9.02 6.14 16.81
C ALA A 83 -8.85 4.70 17.29
N ASP A 84 -7.63 4.19 17.21
CA ASP A 84 -7.34 2.84 17.65
C ASP A 84 -7.61 2.70 19.16
N GLY A 85 -7.10 3.64 19.97
CA GLY A 85 -7.35 3.59 21.40
C GLY A 85 -8.83 3.84 21.75
N LEU A 86 -9.46 4.79 21.06
CA LEU A 86 -10.85 5.09 21.34
C LEU A 86 -11.82 3.97 20.96
N THR A 87 -11.60 3.33 19.81
CA THR A 87 -12.51 2.26 19.41
C THR A 87 -12.26 1.07 20.33
N GLY A 88 -11.01 0.88 20.73
CA GLY A 88 -10.67 -0.19 21.64
C GLY A 88 -11.33 0.02 23.00
N THR A 89 -11.33 1.23 23.54
CA THR A 89 -11.99 1.37 24.83
C THR A 89 -13.53 1.27 24.66
N ALA A 90 -14.07 1.73 23.54
CA ALA A 90 -15.50 1.60 23.33
C ALA A 90 -15.86 0.11 23.34
N ILE A 91 -15.00 -0.72 22.79
CA ILE A 91 -15.27 -2.14 22.75
C ILE A 91 -15.30 -2.70 24.17
N LEU A 92 -14.26 -2.41 24.95
CA LEU A 92 -14.23 -2.94 26.30
C LEU A 92 -15.30 -2.36 27.19
N VAL A 93 -15.57 -1.06 27.08
CA VAL A 93 -16.62 -0.48 27.92
C VAL A 93 -18.01 -1.02 27.56
N ARG A 94 -18.40 -0.95 26.28
CA ARG A 94 -19.71 -1.49 25.91
C ARG A 94 -19.75 -3.00 26.21
N GLY A 95 -18.74 -3.73 25.75
CA GLY A 95 -18.72 -5.17 25.94
C GLY A 95 -18.83 -5.65 27.39
N LEU A 96 -18.01 -5.07 28.27
CA LEU A 96 -18.03 -5.46 29.66
C LEU A 96 -19.34 -4.99 30.33
N ALA A 97 -19.80 -3.79 29.97
CA ALA A 97 -21.02 -3.28 30.56
C ALA A 97 -22.22 -4.14 30.10
N ALA A 98 -22.14 -4.73 28.91
CA ALA A 98 -23.24 -5.57 28.45
C ALA A 98 -23.28 -6.85 29.28
N LEU A 99 -22.15 -7.23 29.88
CA LEU A 99 -22.12 -8.45 30.69
C LEU A 99 -22.47 -8.16 32.16
N GLY A 100 -22.76 -6.90 32.47
CA GLY A 100 -23.10 -6.54 33.84
C GLY A 100 -21.94 -6.08 34.68
N ALA A 101 -20.87 -5.63 34.04
CA ALA A 101 -19.69 -5.17 34.76
C ALA A 101 -19.89 -3.75 35.22
N ASP A 102 -19.14 -3.35 36.26
CA ASP A 102 -19.18 -1.98 36.74
C ASP A 102 -17.90 -1.40 36.13
N VAL A 103 -18.04 -0.98 34.88
CA VAL A 103 -16.93 -0.46 34.10
C VAL A 103 -17.20 0.96 33.65
N HIS A 104 -16.14 1.75 33.49
CA HIS A 104 -16.33 3.13 33.04
C HIS A 104 -15.05 3.54 32.36
N PRO A 105 -15.15 4.43 31.38
CA PRO A 105 -13.91 4.84 30.72
C PRO A 105 -13.22 5.91 31.54
N PHE A 106 -11.92 6.05 31.37
CA PHE A 106 -11.22 7.10 32.11
C PHE A 106 -10.59 8.08 31.13
N ILE A 107 -11.21 9.26 30.99
CA ILE A 107 -10.67 10.31 30.12
C ILE A 107 -9.98 11.37 30.99
N PRO A 108 -8.65 11.48 30.86
CA PRO A 108 -7.88 12.46 31.62
C PRO A 108 -7.46 13.66 30.75
N SER A 129 -10.92 2.56 41.50
CA SER A 129 -11.02 1.35 40.63
C SER A 129 -10.31 0.13 41.22
N ASP A 130 -10.75 -1.06 40.82
CA ASP A 130 -10.15 -2.30 41.30
C ASP A 130 -9.29 -2.94 40.21
N LEU A 131 -9.67 -2.72 38.95
CA LEU A 131 -8.96 -3.28 37.80
C LEU A 131 -8.83 -2.13 36.81
N PHE A 132 -7.64 -1.96 36.24
CA PHE A 132 -7.39 -0.87 35.30
C PHE A 132 -6.99 -1.43 33.93
N LEU A 133 -7.77 -1.11 32.90
CA LEU A 133 -7.48 -1.61 31.54
C LEU A 133 -7.01 -0.45 30.66
N THR A 134 -5.84 -0.60 30.06
CA THR A 134 -5.30 0.47 29.22
C THR A 134 -5.16 -0.03 27.79
N VAL A 135 -5.80 0.65 26.86
CA VAL A 135 -5.78 0.26 25.46
C VAL A 135 -4.70 1.01 24.64
N ASP A 136 -4.06 0.27 23.74
CA ASP A 136 -2.99 0.70 22.81
C ASP A 136 -1.64 0.95 23.50
N CYS A 137 -1.29 -0.03 24.36
CA CYS A 137 -0.09 -0.13 25.17
C CYS A 137 -0.27 0.45 26.58
N GLY A 152 -3.43 -1.73 46.04
CA GLY A 152 -3.78 -2.95 45.26
C GLY A 152 -4.03 -2.61 43.79
N VAL A 153 -5.23 -2.93 43.31
CA VAL A 153 -5.60 -2.63 41.92
C VAL A 153 -4.81 -3.45 40.89
N GLU A 154 -5.48 -4.37 40.19
CA GLU A 154 -4.79 -5.18 39.20
C GLU A 154 -4.83 -4.43 37.88
N VAL A 155 -3.80 -4.66 37.08
CA VAL A 155 -3.76 -4.00 35.81
C VAL A 155 -3.58 -4.92 34.62
N ILE A 156 -4.31 -4.59 33.58
CA ILE A 156 -4.21 -5.33 32.36
C ILE A 156 -3.90 -4.27 31.30
N VAL A 157 -2.72 -4.41 30.74
CA VAL A 157 -2.24 -3.52 29.72
C VAL A 157 -2.53 -4.37 28.49
N THR A 158 -3.75 -4.23 28.02
CA THR A 158 -4.23 -5.04 26.92
C THR A 158 -4.07 -4.42 25.56
N ASP A 159 -2.83 -4.31 25.07
CA ASP A 159 -2.67 -3.68 23.76
C ASP A 159 -1.41 -3.86 22.96
N HIS A 160 -1.33 -3.04 21.92
CA HIS A 160 -0.23 -3.02 20.98
C HIS A 160 0.28 -1.60 20.78
N HIS A 161 1.58 -1.46 20.59
CA HIS A 161 2.20 -0.17 20.28
C HIS A 161 3.53 0.10 20.89
N THR A 162 4.50 -0.47 20.18
CA THR A 162 5.90 -0.46 20.48
C THR A 162 6.12 -1.82 21.07
N LEU A 171 0.42 -7.23 33.80
CA LEU A 171 -0.15 -8.19 32.80
C LEU A 171 -0.42 -7.47 31.49
N VAL A 172 0.42 -7.74 30.51
CA VAL A 172 0.30 -7.09 29.20
C VAL A 172 0.03 -8.12 28.11
N VAL A 173 -1.03 -7.87 27.34
CA VAL A 173 -1.39 -8.76 26.25
C VAL A 173 -0.90 -8.10 24.99
N HIS A 174 0.07 -8.73 24.34
CA HIS A 174 0.67 -8.17 23.12
C HIS A 174 1.24 -9.26 22.20
N PRO A 175 0.88 -9.22 20.91
CA PRO A 175 1.33 -10.18 19.90
C PRO A 175 2.84 -10.46 19.97
N ALA A 176 3.63 -9.39 19.99
CA ALA A 176 5.08 -9.51 20.04
C ALA A 176 5.57 -10.45 21.15
N LEU A 177 4.83 -10.56 22.24
CA LEU A 177 5.20 -11.44 23.34
C LEU A 177 5.08 -12.90 22.92
N THR A 178 4.24 -13.09 21.90
CA THR A 178 3.95 -14.40 21.34
C THR A 178 4.93 -14.71 20.23
N PRO A 179 6.01 -15.43 20.57
CA PRO A 179 7.05 -15.81 19.60
C PRO A 179 6.50 -16.73 18.53
N ASP A 180 6.75 -16.37 17.27
CA ASP A 180 6.32 -17.15 16.11
C ASP A 180 4.92 -16.89 15.61
N LEU A 181 4.13 -16.17 16.40
CA LEU A 181 2.78 -15.85 15.95
C LEU A 181 2.97 -14.75 14.89
N LYS A 182 2.56 -15.01 13.66
CA LYS A 182 2.70 -14.03 12.59
C LYS A 182 1.36 -13.35 12.31
N GLU A 183 0.94 -12.51 13.27
CA GLU A 183 -0.30 -11.72 13.21
C GLU A 183 0.02 -10.38 13.84
N LYS A 184 -0.60 -9.30 13.37
CA LYS A 184 -0.31 -7.99 13.94
C LYS A 184 -1.56 -7.20 14.36
N PRO A 185 -2.36 -7.75 15.29
CA PRO A 185 -3.57 -7.05 15.74
C PRO A 185 -3.19 -5.70 16.37
N THR A 186 -4.11 -4.74 16.35
CA THR A 186 -3.78 -3.42 16.92
C THR A 186 -4.35 -3.27 18.33
N GLY A 187 -4.33 -2.06 18.85
CA GLY A 187 -4.87 -1.83 20.18
C GLY A 187 -6.34 -2.24 20.25
N ALA A 188 -7.11 -1.86 19.25
CA ALA A 188 -8.52 -2.19 19.19
C ALA A 188 -8.70 -3.66 18.86
N GLY A 189 -7.77 -4.21 18.08
CA GLY A 189 -7.83 -5.61 17.72
C GLY A 189 -7.66 -6.50 18.95
N VAL A 190 -6.71 -6.12 19.80
CA VAL A 190 -6.43 -6.84 21.04
C VAL A 190 -7.58 -6.65 22.04
N ALA A 191 -8.14 -5.44 22.14
CA ALA A 191 -9.29 -5.21 23.02
C ALA A 191 -10.44 -6.18 22.58
N PHE A 192 -10.60 -6.31 21.27
CA PHE A 192 -11.61 -7.19 20.69
C PHE A 192 -11.29 -8.65 21.05
N LEU A 193 -10.04 -9.06 20.91
CA LEU A 193 -9.65 -10.43 21.23
C LEU A 193 -9.91 -10.73 22.70
N LEU A 194 -9.60 -9.75 23.56
CA LEU A 194 -9.80 -9.87 25.00
C LEU A 194 -11.29 -10.04 25.31
N LEU A 195 -12.14 -9.21 24.72
CA LEU A 195 -13.57 -9.36 24.98
C LEU A 195 -14.01 -10.77 24.53
N TRP A 196 -13.44 -11.22 23.40
CA TRP A 196 -13.76 -12.54 22.83
C TRP A 196 -13.31 -13.67 23.78
N ALA A 197 -12.10 -13.53 24.32
CA ALA A 197 -11.57 -14.52 25.26
C ALA A 197 -12.52 -14.62 26.47
N LEU A 198 -13.01 -13.49 26.95
CA LEU A 198 -13.94 -13.47 28.07
C LEU A 198 -15.27 -14.18 27.70
N HIS A 199 -15.77 -13.92 26.49
CA HIS A 199 -17.00 -14.56 26.02
C HIS A 199 -16.84 -16.07 25.99
N GLU A 200 -15.67 -16.51 25.53
CA GLU A 200 -15.38 -17.92 25.49
C GLU A 200 -15.46 -18.50 26.90
N ARG A 201 -14.82 -17.85 27.87
CA ARG A 201 -14.85 -18.31 29.25
C ARG A 201 -16.28 -18.37 29.79
N LEU A 202 -17.10 -17.40 29.41
CA LEU A 202 -18.46 -17.31 29.88
C LEU A 202 -19.41 -18.17 29.08
N GLY A 203 -18.90 -18.92 28.10
CA GLY A 203 -19.76 -19.75 27.29
C GLY A 203 -20.66 -18.96 26.36
N LEU A 204 -20.20 -17.79 25.89
CA LEU A 204 -20.99 -16.97 24.99
C LEU A 204 -20.38 -16.99 23.57
N PRO A 205 -21.19 -16.71 22.54
CA PRO A 205 -20.68 -16.70 21.17
C PRO A 205 -19.71 -15.55 20.93
N PRO A 206 -18.95 -15.62 19.82
CA PRO A 206 -17.98 -14.59 19.42
C PRO A 206 -18.70 -13.23 19.35
N PRO A 207 -18.12 -12.19 19.94
CA PRO A 207 -18.70 -10.84 19.95
C PRO A 207 -18.52 -10.12 18.61
N LEU A 208 -19.05 -10.72 17.53
CA LEU A 208 -18.89 -10.17 16.20
C LEU A 208 -19.49 -8.77 15.97
N GLU A 209 -20.51 -8.39 16.74
CA GLU A 209 -21.08 -7.06 16.56
C GLU A 209 -20.08 -5.95 16.95
N TYR A 210 -18.93 -6.32 17.52
CA TYR A 210 -17.90 -5.34 17.91
C TYR A 210 -16.78 -5.27 16.88
N ALA A 211 -16.93 -6.04 15.81
CA ALA A 211 -15.88 -6.06 14.80
C ALA A 211 -15.82 -4.78 13.95
N ASP A 212 -16.93 -4.03 13.83
CA ASP A 212 -16.88 -2.78 13.07
C ASP A 212 -16.00 -1.78 13.82
N LEU A 213 -16.20 -1.67 15.13
CA LEU A 213 -15.35 -0.78 15.94
C LEU A 213 -13.89 -1.22 15.83
N ALA A 214 -13.66 -2.53 15.94
CA ALA A 214 -12.31 -3.08 15.89
C ALA A 214 -11.62 -2.83 14.54
N ALA A 215 -12.39 -2.97 13.45
CA ALA A 215 -11.88 -2.73 12.09
C ALA A 215 -11.50 -1.26 11.90
N VAL A 216 -12.32 -0.35 12.42
CA VAL A 216 -12.02 1.08 12.31
C VAL A 216 -10.68 1.37 13.03
N GLY A 217 -10.49 0.80 14.22
CA GLY A 217 -9.22 1.05 14.91
C GLY A 217 -8.03 0.45 14.15
N THR A 218 -8.22 -0.74 13.59
CA THR A 218 -7.19 -1.46 12.84
C THR A 218 -6.73 -0.65 11.61
N ILE A 219 -7.69 -0.15 10.86
CA ILE A 219 -7.40 0.67 9.68
C ILE A 219 -6.71 1.98 10.12
N ALA A 220 -7.26 2.62 11.14
CA ALA A 220 -6.70 3.88 11.64
C ALA A 220 -5.25 3.73 12.13
N ASP A 221 -4.93 2.58 12.71
CA ASP A 221 -3.60 2.32 13.22
C ASP A 221 -2.58 2.11 12.10
N VAL A 222 -3.09 1.90 10.88
CA VAL A 222 -2.26 1.65 9.70
C VAL A 222 -1.45 0.38 9.87
N ALA A 223 -2.08 -0.65 10.42
CA ALA A 223 -1.43 -1.93 10.61
C ALA A 223 -1.60 -2.70 9.30
N PRO A 224 -0.75 -3.70 9.07
CA PRO A 224 -0.77 -4.54 7.88
C PRO A 224 -2.07 -5.32 7.78
N LEU A 225 -2.75 -5.16 6.65
CA LEU A 225 -4.00 -5.83 6.42
C LEU A 225 -3.88 -7.23 5.81
N TRP A 226 -3.35 -8.17 6.57
CA TRP A 226 -3.27 -9.54 6.12
C TRP A 226 -3.61 -10.48 7.27
N GLY A 227 -3.88 -11.74 6.93
CA GLY A 227 -4.23 -12.71 7.93
C GLY A 227 -5.41 -12.27 8.78
N TRP A 228 -5.24 -12.39 10.10
CA TRP A 228 -6.28 -12.01 11.05
C TRP A 228 -6.78 -10.58 10.83
N ASN A 229 -5.86 -9.64 10.63
CA ASN A 229 -6.30 -8.26 10.40
C ASN A 229 -7.19 -8.19 9.14
N ARG A 230 -6.85 -8.91 8.07
CA ARG A 230 -7.71 -8.90 6.87
C ARG A 230 -9.10 -9.44 7.18
N ALA A 231 -9.15 -10.54 7.93
CA ALA A 231 -10.42 -11.15 8.25
C ALA A 231 -11.26 -10.24 9.15
N LEU A 232 -10.61 -9.56 10.08
CA LEU A 232 -11.31 -8.69 11.01
C LEU A 232 -11.92 -7.52 10.26
N VAL A 233 -11.13 -6.91 9.39
CA VAL A 233 -11.59 -5.77 8.61
C VAL A 233 -12.74 -6.17 7.66
N LYS A 234 -12.63 -7.32 7.00
CA LYS A 234 -13.72 -7.72 6.12
C LYS A 234 -15.02 -7.82 6.94
N GLU A 235 -14.96 -8.48 8.08
CA GLU A 235 -16.13 -8.62 8.93
C GLU A 235 -16.67 -7.25 9.39
N GLY A 236 -15.80 -6.40 9.94
CA GLY A 236 -16.23 -5.12 10.43
C GLY A 236 -16.74 -4.15 9.38
N LEU A 237 -16.08 -4.09 8.23
CA LEU A 237 -16.53 -3.17 7.19
C LEU A 237 -17.93 -3.54 6.76
N ALA A 238 -18.20 -4.85 6.73
CA ALA A 238 -19.53 -5.34 6.34
C ALA A 238 -20.58 -4.96 7.40
N ARG A 239 -20.18 -4.85 8.67
CA ARG A 239 -21.16 -4.53 9.73
C ARG A 239 -21.47 -3.04 9.95
N ILE A 240 -20.61 -2.16 9.47
CA ILE A 240 -20.84 -0.75 9.69
C ILE A 240 -22.18 -0.19 9.22
N PRO A 241 -22.64 -0.52 8.01
CA PRO A 241 -23.92 0.03 7.57
C PRO A 241 -25.12 -0.21 8.48
N ALA A 242 -25.11 -1.30 9.24
CA ALA A 242 -26.19 -1.60 10.15
C ALA A 242 -25.60 -1.79 11.56
N SER A 243 -24.59 -1.00 11.89
CA SER A 243 -23.95 -1.13 13.18
C SER A 243 -24.86 -1.15 14.38
N SER A 244 -24.46 -1.87 15.41
CA SER A 244 -25.24 -1.90 16.65
C SER A 244 -24.94 -0.58 17.38
N TRP A 245 -23.92 0.14 16.91
CA TRP A 245 -23.49 1.41 17.53
C TRP A 245 -23.93 2.56 16.64
N VAL A 246 -25.07 3.17 16.99
CA VAL A 246 -25.65 4.23 16.17
C VAL A 246 -24.72 5.38 15.81
N GLY A 247 -23.79 5.72 16.69
CA GLY A 247 -22.83 6.79 16.41
C GLY A 247 -21.88 6.46 15.26
N LEU A 248 -21.45 5.20 15.19
CA LEU A 248 -20.55 4.78 14.12
C LEU A 248 -21.33 4.74 12.80
N ARG A 249 -22.53 4.17 12.84
CA ARG A 249 -23.32 4.11 11.63
C ARG A 249 -23.54 5.54 11.07
N LEU A 250 -23.93 6.46 11.95
CA LEU A 250 -24.17 7.84 11.55
C LEU A 250 -22.89 8.54 11.06
N LEU A 251 -21.75 8.29 11.71
CA LEU A 251 -20.53 8.94 11.23
C LEU A 251 -20.25 8.40 9.82
N ALA A 252 -20.38 7.09 9.65
CA ALA A 252 -20.16 6.46 8.34
C ALA A 252 -21.07 7.04 7.25
N GLU A 253 -22.37 7.14 7.52
CA GLU A 253 -23.28 7.69 6.52
C GLU A 253 -22.95 9.15 6.20
N ALA A 254 -22.60 9.91 7.23
CA ALA A 254 -22.26 11.33 7.06
C ALA A 254 -21.17 11.51 6.01
N VAL A 255 -20.21 10.58 5.98
CA VAL A 255 -19.14 10.70 5.01
C VAL A 255 -19.36 9.91 3.72
N GLY A 256 -20.56 9.36 3.55
CA GLY A 256 -20.85 8.64 2.30
C GLY A 256 -20.22 7.27 2.17
N TYR A 257 -20.08 6.58 3.28
CA TYR A 257 -19.52 5.24 3.32
C TYR A 257 -20.18 4.28 2.34
N THR A 258 -19.37 3.49 1.65
CA THR A 258 -19.91 2.48 0.73
C THR A 258 -19.23 1.12 0.95
N GLY A 259 -18.68 0.89 2.15
CA GLY A 259 -18.05 -0.39 2.47
C GLY A 259 -16.55 -0.56 2.20
N LYS A 260 -15.90 0.55 1.89
CA LYS A 260 -14.48 0.56 1.58
C LYS A 260 -13.55 0.90 2.76
N ALA A 261 -12.44 0.21 2.84
CA ALA A 261 -11.47 0.46 3.90
C ALA A 261 -10.91 1.87 3.71
N VAL A 262 -10.75 2.29 2.46
CA VAL A 262 -10.20 3.61 2.15
C VAL A 262 -11.10 4.74 2.65
N GLU A 263 -12.40 4.51 2.70
CA GLU A 263 -13.29 5.54 3.23
C GLU A 263 -13.07 5.67 4.75
N VAL A 264 -12.79 4.54 5.42
CA VAL A 264 -12.52 4.55 6.87
C VAL A 264 -11.20 5.32 7.14
N ALA A 265 -10.19 5.01 6.34
CA ALA A 265 -8.87 5.60 6.47
C ALA A 265 -8.82 7.12 6.23
N PHE A 266 -9.53 7.57 5.21
CA PHE A 266 -9.52 8.98 4.88
C PHE A 266 -10.72 9.80 5.32
N ARG A 267 -11.81 9.17 5.71
CA ARG A 267 -12.98 9.97 6.11
C ARG A 267 -13.45 9.75 7.53
N ILE A 268 -13.51 8.51 7.95
CA ILE A 268 -13.97 8.22 9.28
C ILE A 268 -12.93 8.44 10.37
N ALA A 269 -11.81 7.75 10.27
CA ALA A 269 -10.78 7.87 11.28
C ALA A 269 -10.28 9.30 11.48
N PRO A 270 -10.06 10.06 10.39
CA PRO A 270 -9.59 11.43 10.59
C PRO A 270 -10.52 12.28 11.44
N ARG A 271 -11.83 12.07 11.33
CA ARG A 271 -12.79 12.85 12.14
C ARG A 271 -12.61 12.52 13.62
N ILE A 272 -12.46 11.24 13.90
CA ILE A 272 -12.27 10.77 15.25
C ILE A 272 -10.91 11.28 15.77
N ASN A 273 -9.86 11.18 14.94
CA ASN A 273 -8.54 11.60 15.39
C ASN A 273 -8.46 13.10 15.66
N ALA A 274 -9.18 13.88 14.87
CA ALA A 274 -9.16 15.33 15.04
C ALA A 274 -9.67 15.74 16.41
N ALA A 275 -10.67 15.02 16.91
CA ALA A 275 -11.25 15.33 18.22
C ALA A 275 -10.18 15.18 19.27
N SER A 276 -9.45 14.09 19.16
CA SER A 276 -8.39 13.82 20.11
C SER A 276 -7.22 14.79 19.93
N ARG A 277 -6.76 15.00 18.70
CA ARG A 277 -5.64 15.89 18.45
C ARG A 277 -5.99 17.28 18.98
N LEU A 278 -7.29 17.61 19.00
CA LEU A 278 -7.72 18.92 19.45
C LEU A 278 -8.19 19.02 20.92
N GLY A 279 -7.91 17.99 21.71
CA GLY A 279 -8.31 18.03 23.11
C GLY A 279 -9.79 17.76 23.37
N GLU A 280 -10.49 17.14 22.43
CA GLU A 280 -11.89 16.82 22.70
C GLU A 280 -12.16 15.34 22.46
N ALA A 281 -11.24 14.50 22.92
CA ALA A 281 -11.37 13.04 22.79
C ALA A 281 -12.67 12.48 23.41
N GLU A 282 -13.17 13.09 24.49
CA GLU A 282 -14.42 12.65 25.12
C GLU A 282 -15.53 12.69 24.09
N LYS A 283 -15.54 13.72 23.26
CA LYS A 283 -16.56 13.86 22.23
C LYS A 283 -16.60 12.65 21.33
N ALA A 284 -15.42 12.23 20.86
CA ALA A 284 -15.36 11.06 19.97
C ALA A 284 -15.77 9.81 20.74
N LEU A 285 -15.20 9.63 21.93
CA LEU A 285 -15.52 8.45 22.71
C LEU A 285 -17.03 8.39 22.94
N ARG A 286 -17.64 9.50 23.34
CA ARG A 286 -19.08 9.50 23.59
C ARG A 286 -19.87 9.12 22.32
N LEU A 287 -19.40 9.56 21.16
CA LEU A 287 -20.11 9.24 19.95
C LEU A 287 -20.17 7.73 19.79
N LEU A 288 -19.12 7.03 20.19
CA LEU A 288 -19.03 5.57 20.06
C LEU A 288 -19.78 4.78 21.14
N LEU A 289 -20.10 5.45 22.25
CA LEU A 289 -20.79 4.81 23.36
C LEU A 289 -22.31 5.05 23.44
N THR A 290 -22.80 6.13 22.84
CA THR A 290 -24.21 6.43 22.95
C THR A 290 -25.14 5.59 22.05
N ASP A 291 -26.37 5.40 22.50
CA ASP A 291 -27.38 4.63 21.74
C ASP A 291 -28.49 5.63 21.38
N ASP A 292 -28.30 6.88 21.76
CA ASP A 292 -29.28 7.93 21.49
C ASP A 292 -28.90 8.53 20.13
N ALA A 293 -29.71 8.30 19.12
CA ALA A 293 -29.40 8.78 17.78
C ALA A 293 -29.28 10.29 17.64
N ALA A 294 -30.10 11.02 18.39
CA ALA A 294 -30.11 12.48 18.36
C ALA A 294 -28.82 13.01 18.96
N GLU A 295 -28.39 12.43 20.06
CA GLU A 295 -27.15 12.85 20.68
C GLU A 295 -25.99 12.49 19.73
N ALA A 296 -26.04 11.30 19.15
CA ALA A 296 -24.99 10.88 18.23
C ALA A 296 -24.96 11.86 17.05
N GLN A 297 -26.13 12.17 16.48
CA GLN A 297 -26.21 13.11 15.35
C GLN A 297 -25.49 14.41 15.69
N ALA A 298 -25.80 14.97 16.85
CA ALA A 298 -25.17 16.21 17.30
C ALA A 298 -23.64 16.03 17.39
N LEU A 299 -23.18 14.91 17.95
CA LEU A 299 -21.74 14.66 18.09
C LEU A 299 -21.05 14.53 16.73
N VAL A 300 -21.74 13.91 15.77
CA VAL A 300 -21.16 13.79 14.44
C VAL A 300 -20.94 15.24 13.93
N GLY A 301 -21.92 16.10 14.16
CA GLY A 301 -21.76 17.50 13.75
C GLY A 301 -20.52 18.09 14.43
N GLU A 302 -20.36 17.79 15.70
CA GLU A 302 -19.19 18.27 16.44
C GLU A 302 -17.86 17.73 15.84
N LEU A 303 -17.79 16.43 15.57
CA LEU A 303 -16.55 15.89 14.98
C LEU A 303 -16.30 16.58 13.63
N HIS A 304 -17.34 16.86 12.86
CA HIS A 304 -17.14 17.54 11.58
C HIS A 304 -16.49 18.90 11.79
N ARG A 305 -16.90 19.61 12.85
CA ARG A 305 -16.35 20.90 13.16
C ARG A 305 -14.91 20.81 13.61
N LEU A 306 -14.60 19.82 14.44
CA LEU A 306 -13.23 19.67 14.91
C LEU A 306 -12.30 19.32 13.75
N ASN A 307 -12.76 18.45 12.86
CA ASN A 307 -11.95 18.06 11.70
C ASN A 307 -11.70 19.26 10.76
N ALA A 308 -12.70 20.13 10.64
CA ALA A 308 -12.57 21.33 9.79
C ALA A 308 -11.54 22.27 10.43
N ARG A 309 -11.52 22.30 11.76
CA ARG A 309 -10.56 23.14 12.48
C ARG A 309 -9.16 22.56 12.28
N ARG A 310 -9.01 21.25 12.48
CA ARG A 310 -7.72 20.59 12.28
C ARG A 310 -7.23 20.89 10.86
N GLN A 311 -8.14 20.79 9.88
CA GLN A 311 -7.78 21.02 8.49
C GLN A 311 -7.29 22.43 8.26
N THR A 312 -7.98 23.39 8.86
CA THR A 312 -7.64 24.80 8.72
C THR A 312 -6.27 25.08 9.30
N LEU A 313 -6.03 24.66 10.53
CA LEU A 313 -4.71 24.86 11.16
C LEU A 313 -3.60 24.17 10.37
N GLU A 314 -3.85 22.93 9.96
CA GLU A 314 -2.88 22.16 9.21
C GLU A 314 -2.50 22.86 7.90
N GLU A 315 -3.51 23.34 7.19
CA GLU A 315 -3.27 24.03 5.95
C GLU A 315 -2.48 25.33 6.20
N ALA A 316 -2.83 26.10 7.23
CA ALA A 316 -2.06 27.31 7.52
C ALA A 316 -0.61 26.97 7.92
N MET A 317 -0.39 25.90 8.68
CA MET A 317 0.98 25.57 9.06
C MET A 317 1.81 25.13 7.86
N LEU A 318 1.25 24.25 7.04
CA LEU A 318 1.93 23.76 5.85
C LEU A 318 2.20 24.94 4.90
N ARG A 319 1.21 25.83 4.76
CA ARG A 319 1.42 26.97 3.88
C ARG A 319 2.63 27.79 4.36
N LYS A 320 2.74 27.99 5.67
CA LYS A 320 3.89 28.73 6.21
C LYS A 320 5.21 27.97 6.18
N LEU A 321 5.15 26.67 6.43
CA LEU A 321 6.37 25.86 6.52
C LEU A 321 6.91 25.28 5.23
N LEU A 322 6.05 24.74 4.37
CA LEU A 322 6.49 24.12 3.13
C LEU A 322 7.43 24.98 2.29
N PRO A 323 7.20 26.29 2.23
CA PRO A 323 8.10 27.12 1.43
C PRO A 323 9.54 27.16 1.98
N GLN A 324 9.72 26.70 3.23
CA GLN A 324 11.02 26.75 3.88
C GLN A 324 11.96 25.56 3.83
N ALA A 325 13.19 25.83 4.27
CA ALA A 325 14.33 24.91 4.35
C ALA A 325 14.21 23.54 3.71
N ASP A 326 13.70 23.50 2.49
CA ASP A 326 13.48 22.24 1.79
C ASP A 326 14.44 21.73 0.73
N PRO A 327 14.96 22.61 -0.14
CA PRO A 327 15.89 22.26 -1.22
C PRO A 327 16.40 20.82 -1.26
N GLU A 328 17.71 20.67 -1.21
CA GLU A 328 18.31 19.35 -1.23
C GLU A 328 19.01 19.08 0.10
N ALA A 329 18.41 19.60 1.17
CA ALA A 329 18.92 19.41 2.52
C ALA A 329 18.73 17.95 2.91
N LYS A 330 19.66 17.39 3.66
CA LYS A 330 19.55 16.00 4.06
C LYS A 330 18.43 15.83 5.08
N ALA A 331 18.03 16.92 5.71
CA ALA A 331 16.96 16.88 6.71
C ALA A 331 16.32 18.25 6.77
N ILE A 332 14.99 18.27 6.84
CA ILE A 332 14.24 19.51 6.93
C ILE A 332 13.92 19.69 8.42
N VAL A 333 14.37 20.82 8.98
CA VAL A 333 14.19 21.08 10.39
C VAL A 333 13.63 22.47 10.53
N LEU A 334 12.38 22.55 10.96
CA LEU A 334 11.73 23.84 11.07
C LEU A 334 11.13 24.08 12.44
N LEU A 335 11.07 25.34 12.79
CA LEU A 335 10.56 25.82 14.06
C LEU A 335 9.39 26.72 13.79
N ASP A 336 8.29 26.51 14.50
CA ASP A 336 7.11 27.34 14.36
C ASP A 336 6.62 27.54 15.80
N PRO A 337 7.22 28.53 16.48
CA PRO A 337 6.95 28.91 17.87
C PRO A 337 5.52 28.75 18.37
N GLU A 338 4.56 29.29 17.64
CA GLU A 338 3.17 29.22 18.07
C GLU A 338 2.33 28.17 17.35
N GLY A 339 2.99 27.25 16.64
CA GLY A 339 2.26 26.20 15.94
C GLY A 339 1.50 25.33 16.90
N HIS A 340 0.40 24.71 16.44
CA HIS A 340 -0.40 23.83 17.29
C HIS A 340 0.23 22.42 17.25
N PRO A 341 0.65 21.89 18.40
CA PRO A 341 1.26 20.54 18.42
C PRO A 341 0.35 19.44 17.90
N GLY A 342 -0.95 19.70 17.92
CA GLY A 342 -1.92 18.74 17.44
C GLY A 342 -1.96 18.56 15.93
N VAL A 343 -1.39 19.50 15.18
CA VAL A 343 -1.42 19.34 13.73
C VAL A 343 -0.08 19.14 13.08
N MET A 344 1.02 19.33 13.81
CA MET A 344 2.35 19.21 13.19
C MET A 344 2.69 17.83 12.66
N GLY A 345 2.15 16.77 13.27
CA GLY A 345 2.47 15.43 12.79
C GLY A 345 2.09 15.26 11.32
N ILE A 346 0.86 15.61 10.98
CA ILE A 346 0.42 15.49 9.59
C ILE A 346 1.16 16.49 8.66
N VAL A 347 1.42 17.70 9.15
CA VAL A 347 2.15 18.68 8.34
C VAL A 347 3.55 18.11 8.04
N ALA A 348 4.16 17.45 9.01
CA ALA A 348 5.48 16.86 8.79
C ALA A 348 5.41 15.76 7.72
N SER A 349 4.40 14.89 7.78
CA SER A 349 4.29 13.82 6.79
C SER A 349 4.04 14.43 5.41
N ARG A 350 3.21 15.46 5.37
CA ARG A 350 2.96 16.10 4.08
C ARG A 350 4.24 16.73 3.53
N ILE A 351 5.09 17.27 4.39
CA ILE A 351 6.34 17.85 3.90
C ILE A 351 7.27 16.76 3.42
N LEU A 352 7.36 15.69 4.19
CA LEU A 352 8.20 14.58 3.82
C LEU A 352 7.80 14.03 2.45
N GLU A 353 6.49 14.08 2.16
CA GLU A 353 6.02 13.52 0.90
C GLU A 353 6.32 14.39 -0.31
N ALA A 354 6.34 15.70 -0.10
CA ALA A 354 6.61 16.64 -1.19
C ALA A 354 8.10 16.71 -1.42
N THR A 355 8.82 16.28 -0.40
CA THR A 355 10.26 16.41 -0.35
C THR A 355 11.14 15.13 -0.35
N LEU A 356 10.57 14.03 0.13
CA LEU A 356 11.33 12.78 0.22
C LEU A 356 12.55 12.98 1.13
N ARG A 357 12.34 13.66 2.26
CA ARG A 357 13.41 13.92 3.23
C ARG A 357 12.84 13.77 4.65
N PRO A 358 13.70 13.43 5.62
CA PRO A 358 13.24 13.30 7.00
C PRO A 358 12.77 14.70 7.41
N VAL A 359 11.73 14.80 8.23
CA VAL A 359 11.25 16.11 8.65
C VAL A 359 11.12 16.15 10.15
N PHE A 360 11.64 17.24 10.72
CA PHE A 360 11.63 17.50 12.14
C PHE A 360 10.96 18.88 12.31
N LEU A 361 9.91 18.94 13.10
CA LEU A 361 9.19 20.18 13.36
C LEU A 361 9.11 20.38 14.86
N VAL A 362 9.24 21.63 15.27
CA VAL A 362 9.18 22.00 16.68
C VAL A 362 8.16 23.11 16.79
N ALA A 363 7.26 23.03 17.75
CA ALA A 363 6.25 24.07 17.94
C ALA A 363 5.93 24.07 19.41
N GLN A 364 6.02 25.24 20.03
CA GLN A 364 5.73 25.36 21.45
C GLN A 364 6.55 24.34 22.29
N GLY A 365 7.78 24.11 21.89
CA GLY A 365 8.64 23.21 22.63
C GLY A 365 8.36 21.73 22.47
N LYS A 366 7.39 21.39 21.63
CA LYS A 366 7.10 19.98 21.40
C LYS A 366 7.68 19.68 20.04
N GLY A 367 8.18 18.47 19.85
CA GLY A 367 8.76 18.15 18.56
C GLY A 367 8.21 16.89 17.94
N THR A 368 8.14 16.88 16.61
CA THR A 368 7.65 15.72 15.91
C THR A 368 8.61 15.40 14.81
N VAL A 369 8.74 14.12 14.48
CA VAL A 369 9.62 13.67 13.42
C VAL A 369 8.90 12.66 12.53
N ARG A 370 9.09 12.77 11.21
CA ARG A 370 8.59 11.81 10.25
C ARG A 370 9.83 11.56 9.43
N SER A 371 10.14 10.30 9.21
CA SER A 371 11.31 9.96 8.43
C SER A 371 11.02 8.81 7.49
N LEU A 372 12.03 8.44 6.71
CA LEU A 372 11.90 7.37 5.72
C LEU A 372 13.28 6.87 5.36
N ALA A 373 13.29 5.96 4.41
CA ALA A 373 14.51 5.45 3.80
C ALA A 373 15.52 4.86 4.73
N PRO A 374 16.80 5.27 4.61
CA PRO A 374 17.64 4.60 5.60
C PRO A 374 17.80 5.47 6.84
N ILE A 375 16.96 6.48 6.99
CA ILE A 375 17.11 7.32 8.17
C ILE A 375 16.05 7.08 9.20
N SER A 376 16.51 6.58 10.34
CA SER A 376 15.66 6.29 11.48
C SER A 376 15.37 7.56 12.29
N ALA A 377 14.07 7.81 12.47
CA ALA A 377 13.58 8.95 13.20
C ALA A 377 14.13 8.99 14.62
N VAL A 378 13.88 7.92 15.38
CA VAL A 378 14.31 7.89 16.76
C VAL A 378 15.82 7.86 16.95
N GLU A 379 16.56 7.28 16.00
CA GLU A 379 18.01 7.24 16.11
C GLU A 379 18.58 8.64 15.82
N ALA A 380 17.88 9.41 14.98
CA ALA A 380 18.32 10.76 14.66
C ALA A 380 18.18 11.62 15.93
N LEU A 381 17.11 11.38 16.69
CA LEU A 381 16.90 12.11 17.93
C LEU A 381 17.96 11.66 18.92
N ARG A 382 18.25 10.36 18.91
CA ARG A 382 19.26 9.82 19.82
C ARG A 382 20.59 10.54 19.59
N SER A 383 20.95 10.78 18.35
CA SER A 383 22.20 11.46 18.05
C SER A 383 22.27 12.85 18.66
N ALA A 384 21.11 13.44 18.95
CA ALA A 384 21.07 14.78 19.55
C ALA A 384 20.39 14.76 20.93
N GLU A 385 20.37 13.60 21.59
CA GLU A 385 19.66 13.46 22.86
C GLU A 385 20.02 14.33 24.05
N ASP A 386 21.27 14.75 24.16
CA ASP A 386 21.66 15.59 25.28
C ASP A 386 20.86 16.90 25.27
N LEU A 387 20.40 17.29 24.09
CA LEU A 387 19.65 18.54 23.88
C LEU A 387 18.16 18.47 24.18
N LEU A 388 17.65 17.26 24.41
CA LEU A 388 16.22 17.08 24.61
C LEU A 388 15.75 16.82 26.03
N LEU A 389 14.53 17.25 26.31
CA LEU A 389 13.95 17.04 27.62
C LEU A 389 13.45 15.60 27.71
N ARG A 390 13.09 15.05 26.56
CA ARG A 390 12.62 13.68 26.49
C ARG A 390 12.29 13.40 25.03
N TYR A 391 12.28 12.12 24.67
CA TYR A 391 11.99 11.74 23.29
C TYR A 391 11.69 10.25 23.22
N GLY A 392 11.07 9.84 22.12
CA GLY A 392 10.76 8.44 21.91
C GLY A 392 10.21 8.23 20.52
N GLY A 393 10.10 6.98 20.09
CA GLY A 393 9.57 6.70 18.77
C GLY A 393 10.25 5.53 18.10
N HIS A 394 10.06 5.44 16.78
CA HIS A 394 10.60 4.37 15.99
C HIS A 394 11.24 4.92 14.72
N LYS A 395 11.48 4.04 13.76
CA LYS A 395 12.13 4.40 12.50
C LYS A 395 11.44 5.40 11.59
N GLU A 396 10.10 5.43 11.61
CA GLU A 396 9.40 6.33 10.70
C GLU A 396 8.73 7.53 11.36
N ALA A 397 8.62 7.49 12.68
CA ALA A 397 7.96 8.58 13.39
C ALA A 397 8.49 8.64 14.79
N ALA A 398 8.65 9.85 15.32
CA ALA A 398 9.16 9.99 16.69
C ALA A 398 8.67 11.30 17.26
N GLY A 399 8.76 11.44 18.57
CA GLY A 399 8.30 12.66 19.20
C GLY A 399 9.29 13.09 20.27
N PHE A 400 9.29 14.36 20.63
CA PHE A 400 10.19 14.84 21.66
C PHE A 400 9.72 16.16 22.24
N ALA A 401 10.43 16.63 23.25
CA ALA A 401 10.14 17.91 23.85
C ALA A 401 11.53 18.52 23.95
N MET A 402 11.61 19.84 23.91
CA MET A 402 12.90 20.52 23.92
C MET A 402 12.73 22.03 24.06
N ASP A 403 13.71 22.66 24.72
CA ASP A 403 13.67 24.09 24.89
C ASP A 403 13.95 24.66 23.50
N GLU A 404 13.04 25.47 22.98
CA GLU A 404 13.26 26.03 21.64
C GLU A 404 14.55 26.84 21.48
N ALA A 405 15.16 27.23 22.58
CA ALA A 405 16.40 28.03 22.50
C ALA A 405 17.52 27.18 21.94
N LEU A 406 17.38 25.87 22.08
CA LEU A 406 18.37 24.92 21.59
C LEU A 406 18.12 24.47 20.14
N PHE A 407 17.13 25.08 19.48
CA PHE A 407 16.79 24.70 18.11
C PHE A 407 17.96 24.76 17.11
N PRO A 408 18.69 25.90 17.03
CA PRO A 408 19.78 25.89 16.06
C PRO A 408 20.78 24.74 16.27
N ALA A 409 21.08 24.42 17.53
CA ALA A 409 22.02 23.36 17.85
C ALA A 409 21.43 22.00 17.45
N PHE A 410 20.14 21.86 17.70
CA PHE A 410 19.42 20.63 17.39
C PHE A 410 19.45 20.42 15.88
N LYS A 411 19.19 21.50 15.15
CA LYS A 411 19.19 21.44 13.69
C LYS A 411 20.50 20.98 13.07
N ALA A 412 21.62 21.58 13.47
CA ALA A 412 22.92 21.21 12.89
C ALA A 412 23.19 19.74 13.16
N ARG A 413 22.87 19.33 14.38
CA ARG A 413 23.07 17.96 14.80
C ARG A 413 22.27 16.97 13.94
N VAL A 414 20.96 17.16 13.81
CA VAL A 414 20.21 16.20 13.01
C VAL A 414 20.59 16.28 11.55
N GLU A 415 20.92 17.47 11.05
CA GLU A 415 21.33 17.61 9.66
C GLU A 415 22.60 16.77 9.42
N ALA A 416 23.47 16.75 10.42
CA ALA A 416 24.73 16.01 10.33
C ALA A 416 24.47 14.53 10.43
N TYR A 417 23.50 14.15 11.24
CA TYR A 417 23.15 12.75 11.36
C TYR A 417 22.68 12.25 9.98
N ALA A 418 21.77 13.02 9.36
CA ALA A 418 21.22 12.64 8.04
C ALA A 418 22.27 12.61 6.95
N ALA A 419 23.27 13.48 7.08
CA ALA A 419 24.36 13.55 6.11
C ALA A 419 25.19 12.27 6.06
N ARG A 420 25.14 11.48 7.12
CA ARG A 420 25.87 10.22 7.18
C ARG A 420 25.23 9.13 6.34
N PHE A 421 24.05 9.40 5.79
CA PHE A 421 23.38 8.38 5.00
C PHE A 421 23.09 8.77 3.57
N PRO A 422 22.89 7.76 2.70
CA PRO A 422 22.60 8.05 1.30
C PRO A 422 21.22 8.71 1.23
N ASP A 423 20.96 9.43 0.14
CA ASP A 423 19.66 10.08 0.00
C ASP A 423 18.54 9.06 -0.05
N PRO A 424 17.36 9.41 0.51
CA PRO A 424 16.25 8.45 0.47
C PRO A 424 15.75 8.37 -0.98
N VAL A 425 15.22 7.21 -1.37
CA VAL A 425 14.66 7.01 -2.72
C VAL A 425 13.28 6.38 -2.61
N ARG A 426 12.38 6.74 -3.53
CA ARG A 426 11.02 6.20 -3.54
C ARG A 426 10.90 5.17 -4.65
N GLU A 427 10.25 4.06 -4.36
CA GLU A 427 10.06 3.03 -5.38
C GLU A 427 8.58 2.97 -5.77
N VAL A 428 8.32 2.71 -7.05
CA VAL A 428 6.96 2.53 -7.56
C VAL A 428 7.00 1.10 -8.06
N ALA A 429 6.21 0.23 -7.45
CA ALA A 429 6.17 -1.18 -7.82
C ALA A 429 5.09 -1.42 -8.89
N LEU A 430 5.51 -1.93 -10.04
CA LEU A 430 4.58 -2.18 -11.13
C LEU A 430 4.29 -3.67 -11.20
N LEU A 431 3.01 -4.01 -11.23
CA LEU A 431 2.57 -5.40 -11.30
C LEU A 431 2.86 -5.99 -12.67
N ASP A 432 2.50 -5.27 -13.71
CA ASP A 432 2.69 -5.80 -15.06
C ASP A 432 2.27 -4.74 -16.06
N LEU A 433 2.46 -5.06 -17.34
CA LEU A 433 2.07 -4.19 -18.45
C LEU A 433 0.55 -4.28 -18.48
N LEU A 434 -0.15 -3.18 -18.68
CA LEU A 434 -1.62 -3.21 -18.72
C LEU A 434 -2.07 -4.07 -19.92
N PRO A 435 -3.11 -4.91 -19.75
CA PRO A 435 -3.64 -5.77 -20.82
C PRO A 435 -4.35 -4.93 -21.86
N GLU A 436 -4.81 -5.56 -22.94
CA GLU A 436 -5.54 -4.83 -23.99
C GLU A 436 -6.87 -4.40 -23.40
N PRO A 437 -7.46 -3.35 -23.98
CA PRO A 437 -8.75 -2.77 -23.55
C PRO A 437 -9.88 -3.79 -23.38
N GLY A 438 -9.96 -4.74 -24.29
CA GLY A 438 -11.03 -5.72 -24.23
C GLY A 438 -11.04 -6.58 -23.00
N LEU A 439 -9.90 -6.69 -22.34
CA LEU A 439 -9.79 -7.53 -21.15
C LEU A 439 -9.88 -6.77 -19.82
N LEU A 440 -9.89 -5.44 -19.86
CA LEU A 440 -9.91 -4.66 -18.62
C LEU A 440 -11.04 -4.94 -17.62
N PRO A 441 -12.28 -5.11 -18.11
CA PRO A 441 -13.39 -5.38 -17.18
C PRO A 441 -13.14 -6.68 -16.39
N GLN A 442 -12.75 -7.73 -17.11
CA GLN A 442 -12.50 -9.00 -16.46
C GLN A 442 -11.33 -8.89 -15.52
N VAL A 443 -10.28 -8.19 -15.94
CA VAL A 443 -9.13 -8.04 -15.06
C VAL A 443 -9.58 -7.27 -13.82
N PHE A 444 -10.35 -6.20 -14.02
CA PHE A 444 -10.84 -5.42 -12.90
C PHE A 444 -11.63 -6.30 -11.94
N ARG A 445 -12.59 -7.07 -12.45
CA ARG A 445 -13.39 -7.93 -11.56
C ARG A 445 -12.53 -8.96 -10.84
N GLU A 446 -11.45 -9.43 -11.48
CA GLU A 446 -10.57 -10.42 -10.85
C GLU A 446 -9.71 -9.84 -9.72
N LEU A 447 -9.31 -8.58 -9.85
CA LEU A 447 -8.51 -7.90 -8.83
C LEU A 447 -9.36 -7.53 -7.61
N ALA A 448 -10.67 -7.51 -7.80
CA ALA A 448 -11.62 -7.15 -6.75
C ALA A 448 -11.44 -7.94 -5.47
N LEU A 449 -11.15 -9.23 -5.61
CA LEU A 449 -10.98 -10.10 -4.45
C LEU A 449 -9.84 -9.72 -3.52
N LEU A 450 -8.92 -8.90 -4.01
CA LEU A 450 -7.78 -8.45 -3.23
C LEU A 450 -8.16 -7.53 -2.09
N GLU A 451 -9.34 -6.94 -2.19
CA GLU A 451 -9.80 -6.04 -1.17
C GLU A 451 -10.11 -6.79 0.11
N PRO A 452 -10.04 -6.10 1.25
CA PRO A 452 -9.67 -4.68 1.39
C PRO A 452 -8.20 -4.28 1.20
N TYR A 453 -7.99 -3.24 0.38
CA TYR A 453 -6.67 -2.67 0.15
C TYR A 453 -6.28 -1.83 1.36
N GLY A 454 -5.00 -1.82 1.67
CA GLY A 454 -4.52 -1.01 2.80
C GLY A 454 -3.03 -1.21 3.00
N GLU A 455 -2.55 -0.80 4.16
CA GLU A 455 -1.15 -0.95 4.50
C GLU A 455 -0.68 -2.34 4.07
N GLY A 456 -1.46 -3.36 4.31
CA GLY A 456 -0.97 -4.66 3.85
C GLY A 456 -0.82 -4.92 2.34
N ASN A 457 -1.87 -4.67 1.58
CA ASN A 457 -1.87 -4.90 0.14
C ASN A 457 -2.40 -3.65 -0.49
N PRO A 458 -1.50 -2.85 -1.08
CA PRO A 458 -1.91 -1.61 -1.75
C PRO A 458 -2.55 -2.00 -3.06
N GLU A 459 -3.40 -1.16 -3.61
CA GLU A 459 -3.99 -1.48 -4.87
C GLU A 459 -2.83 -1.62 -5.90
N PRO A 460 -2.88 -2.63 -6.77
CA PRO A 460 -1.81 -2.81 -7.78
C PRO A 460 -1.73 -1.70 -8.84
N LEU A 461 -0.52 -1.44 -9.31
CA LEU A 461 -0.31 -0.44 -10.37
C LEU A 461 0.18 -1.13 -11.64
N PHE A 462 -0.39 -0.75 -12.77
CA PHE A 462 0.01 -1.33 -14.06
C PHE A 462 0.88 -0.32 -14.80
N LEU A 463 1.67 -0.82 -15.73
CA LEU A 463 2.51 0.05 -16.51
C LEU A 463 1.88 0.18 -17.87
N LEU A 464 1.77 1.41 -18.37
CA LEU A 464 1.26 1.70 -19.69
C LEU A 464 2.43 2.43 -20.34
N PHE A 465 2.51 2.35 -21.65
CA PHE A 465 3.63 2.96 -22.38
C PHE A 465 3.22 3.38 -23.77
N GLY A 466 3.76 4.49 -24.24
CA GLY A 466 3.44 4.93 -25.58
C GLY A 466 3.45 6.42 -25.86
N ALA A 467 2.93 6.76 -27.03
CA ALA A 467 2.83 8.15 -27.43
C ALA A 467 1.41 8.51 -27.09
N PRO A 468 1.22 9.48 -26.19
CA PRO A 468 -0.10 9.90 -25.77
C PRO A 468 -0.88 10.47 -26.95
N GLU A 469 -2.20 10.35 -26.92
CA GLU A 469 -3.04 10.87 -28.00
C GLU A 469 -4.34 11.39 -27.45
N GLU A 470 -4.96 12.28 -28.23
CA GLU A 470 -6.25 12.88 -27.85
C GLU A 470 -6.15 13.58 -26.50
N ALA A 471 -4.99 14.18 -26.23
CA ALA A 471 -4.78 14.88 -24.98
C ALA A 471 -5.81 15.99 -24.84
N ARG A 472 -6.20 16.28 -23.60
CA ARG A 472 -7.18 17.33 -23.35
C ARG A 472 -7.15 17.79 -21.90
N ARG A 473 -6.81 19.05 -21.69
CA ARG A 473 -6.74 19.61 -20.35
C ARG A 473 -8.13 19.60 -19.69
N LEU A 474 -8.14 19.80 -18.37
CA LEU A 474 -9.37 19.83 -17.59
C LEU A 474 -9.19 20.98 -16.60
N GLY A 475 -9.53 22.18 -17.05
CA GLY A 475 -9.36 23.35 -16.21
C GLY A 475 -8.29 24.24 -16.80
N GLU A 476 -7.40 24.76 -15.96
CA GLU A 476 -6.33 25.64 -16.42
C GLU A 476 -4.95 25.15 -15.97
N GLY A 477 -4.91 23.95 -15.40
CA GLY A 477 -3.63 23.43 -14.94
C GLY A 477 -3.47 21.93 -15.02
N ARG A 478 -2.54 21.44 -14.20
CA ARG A 478 -2.19 20.03 -14.10
C ARG A 478 -3.13 18.97 -14.65
N HIS A 479 -4.36 18.96 -14.16
CA HIS A 479 -5.36 17.98 -14.56
C HIS A 479 -5.57 17.83 -16.06
N LEU A 480 -5.47 16.60 -16.55
CA LEU A 480 -5.65 16.30 -17.97
C LEU A 480 -6.01 14.84 -18.25
N ALA A 481 -6.19 14.53 -19.54
CA ALA A 481 -6.55 13.19 -19.96
C ALA A 481 -6.03 12.91 -21.35
N PHE A 482 -5.59 11.68 -21.59
CA PHE A 482 -5.08 11.29 -22.89
C PHE A 482 -5.20 9.78 -23.06
N ARG A 483 -4.76 9.27 -24.21
CA ARG A 483 -4.87 7.84 -24.47
C ARG A 483 -3.58 7.14 -24.83
N LEU A 484 -3.46 5.91 -24.35
CA LEU A 484 -2.29 5.09 -24.66
C LEU A 484 -2.83 3.75 -25.12
N LYS A 485 -2.60 3.44 -26.40
CA LYS A 485 -3.06 2.19 -27.01
C LYS A 485 -4.56 2.01 -26.77
N GLY A 486 -5.34 3.07 -26.98
CA GLY A 486 -6.77 2.98 -26.78
C GLY A 486 -7.29 2.99 -25.34
N VAL A 487 -6.40 3.13 -24.37
CA VAL A 487 -6.83 3.17 -22.97
C VAL A 487 -6.83 4.61 -22.46
N ARG A 488 -7.96 5.08 -21.93
CA ARG A 488 -8.01 6.45 -21.43
C ARG A 488 -7.42 6.59 -20.04
N VAL A 489 -6.52 7.55 -19.89
CA VAL A 489 -5.86 7.78 -18.61
C VAL A 489 -6.03 9.22 -18.13
N LEU A 490 -6.24 9.38 -16.82
CA LEU A 490 -6.43 10.66 -16.17
C LEU A 490 -5.21 10.92 -15.32
N ALA A 491 -4.75 12.16 -15.33
CA ALA A 491 -3.53 12.49 -14.59
C ALA A 491 -3.37 13.95 -14.20
N TRP A 492 -2.51 14.19 -13.22
CA TRP A 492 -2.17 15.52 -12.77
C TRP A 492 -0.73 15.73 -13.20
N LYS A 493 -0.54 16.42 -14.33
CA LYS A 493 0.79 16.65 -14.86
C LYS A 493 1.63 17.54 -13.98
N GLN A 494 2.73 16.98 -13.47
CA GLN A 494 3.64 17.74 -12.62
C GLN A 494 4.13 18.91 -13.45
N GLY A 495 3.85 20.12 -12.98
CA GLY A 495 4.25 21.34 -13.66
C GLY A 495 4.99 21.14 -14.95
N ASP A 496 4.35 21.52 -16.04
CA ASP A 496 4.91 21.39 -17.38
C ASP A 496 3.77 21.33 -18.35
N LEU A 497 2.88 20.37 -18.14
CA LEU A 497 1.74 20.17 -19.01
C LEU A 497 2.35 19.86 -20.36
N ALA A 498 1.55 19.35 -21.29
CA ALA A 498 2.13 18.95 -22.57
C ALA A 498 3.02 17.76 -22.22
N LEU A 499 2.66 16.59 -22.72
CA LEU A 499 3.40 15.38 -22.44
C LEU A 499 4.54 15.16 -23.45
N PRO A 500 5.65 14.55 -22.99
CA PRO A 500 6.72 14.32 -23.96
C PRO A 500 6.17 13.45 -25.09
N PRO A 501 6.92 13.33 -26.20
CA PRO A 501 6.44 12.51 -27.32
C PRO A 501 6.13 11.07 -26.94
N GLU A 502 6.84 10.57 -25.93
CA GLU A 502 6.63 9.23 -25.44
C GLU A 502 6.60 9.27 -23.92
N VAL A 503 5.65 8.55 -23.33
CA VAL A 503 5.53 8.53 -21.88
C VAL A 503 5.42 7.12 -21.31
N GLU A 504 5.63 7.04 -20.00
CA GLU A 504 5.51 5.81 -19.25
C GLU A 504 4.53 6.19 -18.15
N VAL A 505 3.60 5.30 -17.82
CA VAL A 505 2.61 5.59 -16.78
C VAL A 505 2.45 4.44 -15.82
N ALA A 506 2.42 4.76 -14.52
CA ALA A 506 2.19 3.77 -13.48
C ALA A 506 0.76 4.10 -13.08
N GLY A 507 -0.18 3.20 -13.35
CA GLY A 507 -1.55 3.55 -13.02
C GLY A 507 -2.49 2.53 -12.44
N LEU A 508 -3.56 3.01 -11.82
CA LEU A 508 -4.58 2.17 -11.22
C LEU A 508 -5.68 1.89 -12.22
N LEU A 509 -6.04 0.63 -12.39
CA LEU A 509 -7.10 0.24 -13.30
C LEU A 509 -8.39 0.67 -12.60
N SER A 510 -9.16 1.54 -13.23
CA SER A 510 -10.36 2.03 -12.59
C SER A 510 -11.66 1.71 -13.33
N GLU A 511 -12.72 1.52 -12.55
CA GLU A 511 -14.05 1.27 -13.10
C GLU A 511 -14.78 2.56 -12.73
N ASN A 512 -14.95 3.45 -13.70
CA ASN A 512 -15.63 4.71 -13.44
C ASN A 512 -17.08 4.66 -13.90
N ALA A 513 -17.99 4.98 -12.99
CA ALA A 513 -19.41 4.95 -13.33
C ALA A 513 -19.92 6.36 -13.59
N TRP A 514 -20.83 6.45 -14.55
CA TRP A 514 -21.42 7.73 -14.89
C TRP A 514 -22.67 7.55 -15.73
N ASN A 515 -23.73 8.28 -15.36
CA ASN A 515 -24.96 8.21 -16.12
C ASN A 515 -25.41 6.74 -16.20
N GLY A 516 -25.19 6.01 -15.11
CA GLY A 516 -25.58 4.61 -15.07
C GLY A 516 -24.75 3.72 -15.98
N HIS A 517 -23.57 4.18 -16.39
CA HIS A 517 -22.69 3.40 -17.27
C HIS A 517 -21.28 3.32 -16.72
N LEU A 518 -20.57 2.24 -17.07
CA LEU A 518 -19.22 2.02 -16.59
C LEU A 518 -18.20 2.22 -17.69
N ALA A 519 -17.01 2.69 -17.32
CA ALA A 519 -15.91 2.92 -18.26
C ALA A 519 -14.62 2.47 -17.54
N TYR A 520 -13.84 1.62 -18.21
CA TYR A 520 -12.59 1.10 -17.64
C TYR A 520 -11.44 1.93 -18.08
N GLU A 521 -10.89 2.70 -17.16
CA GLU A 521 -9.80 3.60 -17.50
C GLU A 521 -8.70 3.52 -16.49
N VAL A 522 -7.66 4.31 -16.71
CA VAL A 522 -6.52 4.31 -15.80
C VAL A 522 -6.32 5.66 -15.19
N GLN A 523 -6.14 5.67 -13.87
CA GLN A 523 -5.90 6.86 -13.12
C GLN A 523 -4.41 6.81 -12.88
N ALA A 524 -3.68 7.74 -13.49
CA ALA A 524 -2.23 7.75 -13.33
C ALA A 524 -1.77 8.21 -11.94
N VAL A 525 -0.86 7.45 -11.31
CA VAL A 525 -0.31 7.83 -10.01
C VAL A 525 1.05 8.47 -10.31
N ASP A 526 1.74 7.97 -11.33
CA ASP A 526 3.00 8.61 -11.72
C ASP A 526 3.07 8.54 -13.23
N LEU A 527 3.76 9.52 -13.81
CA LEU A 527 3.88 9.64 -15.26
C LEU A 527 5.24 10.28 -15.58
N ARG A 528 5.91 9.77 -16.62
CA ARG A 528 7.23 10.29 -16.96
C ARG A 528 7.73 9.95 -18.38
N LYS A 529 8.82 10.61 -18.77
CA LYS A 529 9.45 10.32 -20.05
C LYS A 529 10.13 9.00 -19.68
N PRO A 530 10.11 8.02 -20.59
CA PRO A 530 10.73 6.72 -20.30
C PRO A 530 12.12 6.83 -19.68
N GLU A 531 12.42 5.97 -18.71
CA GLU A 531 13.73 6.02 -18.05
C GLU A 531 14.16 4.64 -17.58
N ALA A 532 15.20 4.63 -16.75
CA ALA A 532 15.70 3.39 -16.18
C ALA A 532 14.47 2.68 -15.64
N LEU A 533 14.43 1.36 -15.82
CA LEU A 533 13.31 0.57 -15.36
C LEU A 533 13.90 -0.67 -14.72
N GLU A 534 13.73 -0.83 -13.42
CA GLU A 534 14.26 -1.98 -12.71
C GLU A 534 13.44 -3.25 -12.89
N GLY A 535 14.11 -4.39 -12.83
CA GLY A 535 13.42 -5.66 -12.96
C GLY A 535 14.06 -6.64 -13.90
N GLY A 536 13.53 -7.85 -13.94
CA GLY A 536 14.07 -8.87 -14.81
C GLY A 536 15.07 -9.73 -14.07
N ILE A 537 15.67 -10.68 -14.77
CA ILE A 537 16.64 -11.59 -14.17
C ILE A 537 18.04 -11.26 -14.72
N ALA A 538 19.05 -12.02 -14.28
CA ALA A 538 20.41 -11.83 -14.77
C ALA A 538 20.24 -12.00 -16.29
N PRO A 539 20.57 -10.98 -17.08
CA PRO A 539 20.41 -11.07 -18.54
C PRO A 539 21.30 -12.04 -19.29
N PHE A 540 20.78 -12.62 -20.37
CA PHE A 540 21.52 -13.53 -21.23
C PHE A 540 21.11 -13.25 -22.68
N ALA A 541 19.94 -12.65 -22.87
CA ALA A 541 19.46 -12.31 -24.21
C ALA A 541 19.33 -10.77 -24.31
N TYR A 542 20.02 -10.21 -25.30
CA TYR A 542 20.09 -8.78 -25.52
C TYR A 542 19.42 -8.33 -26.80
N PRO A 543 18.27 -7.64 -26.67
CA PRO A 543 17.52 -7.14 -27.83
C PRO A 543 18.37 -6.25 -28.71
N LEU A 544 18.25 -6.48 -30.01
CA LEU A 544 18.95 -5.70 -31.02
C LEU A 544 17.91 -5.46 -32.12
N PRO A 545 17.81 -4.22 -32.63
CA PRO A 545 16.87 -3.85 -33.68
C PRO A 545 17.09 -4.75 -34.92
N LEU A 546 15.99 -5.12 -35.59
CA LEU A 546 16.10 -5.99 -36.77
C LEU A 546 17.05 -5.46 -37.85
N LEU A 547 17.00 -4.15 -38.11
CA LEU A 547 17.88 -3.57 -39.11
C LEU A 547 19.32 -3.85 -38.76
N GLU A 548 19.71 -3.57 -37.53
CA GLU A 548 21.09 -3.83 -37.13
C GLU A 548 21.44 -5.30 -37.26
N ALA A 549 20.53 -6.18 -36.85
CA ALA A 549 20.81 -7.61 -36.90
C ALA A 549 21.04 -8.10 -38.34
N LEU A 550 20.20 -7.64 -39.26
CA LEU A 550 20.31 -8.06 -40.66
C LEU A 550 21.59 -7.58 -41.30
N ALA A 551 22.03 -6.38 -40.92
CA ALA A 551 23.27 -5.84 -41.48
C ALA A 551 24.43 -6.75 -41.09
N ARG A 552 24.47 -7.16 -39.83
CA ARG A 552 25.54 -8.02 -39.35
C ARG A 552 25.47 -9.42 -39.97
N ALA A 553 24.26 -9.89 -40.21
CA ALA A 553 24.09 -11.21 -40.80
C ALA A 553 24.55 -11.19 -42.26
N ARG A 554 24.36 -10.09 -42.95
CA ARG A 554 24.77 -10.01 -44.33
C ARG A 554 26.27 -9.90 -44.45
N LEU A 555 26.88 -9.40 -43.37
CA LEU A 555 28.33 -9.25 -43.26
C LEU A 555 28.98 -10.59 -42.91
N GLY A 556 28.17 -11.61 -42.60
CA GLY A 556 28.73 -12.91 -42.29
C GLY A 556 28.78 -13.36 -40.83
N GLU A 557 28.15 -12.62 -39.93
CA GLU A 557 28.14 -13.01 -38.53
C GLU A 557 27.40 -14.35 -38.35
N GLY A 558 27.96 -15.25 -37.55
CA GLY A 558 27.27 -16.50 -37.32
C GLY A 558 25.89 -16.17 -36.77
N VAL A 559 24.85 -16.71 -37.41
CA VAL A 559 23.48 -16.43 -37.01
C VAL A 559 22.49 -17.58 -37.02
N TYR A 560 21.49 -17.45 -36.15
CA TYR A 560 20.43 -18.43 -36.02
C TYR A 560 19.10 -17.86 -36.45
N VAL A 561 18.41 -18.58 -37.34
CA VAL A 561 17.09 -18.21 -37.81
C VAL A 561 16.26 -19.47 -37.52
N PRO A 562 15.22 -19.35 -36.68
CA PRO A 562 14.39 -20.51 -36.35
C PRO A 562 13.70 -21.22 -37.52
N GLU A 563 13.53 -22.54 -37.40
CA GLU A 563 12.87 -23.34 -38.44
C GLU A 563 11.56 -22.72 -38.87
N ASP A 564 10.89 -22.01 -37.97
CA ASP A 564 9.62 -21.33 -38.27
C ASP A 564 9.93 -20.22 -39.26
N ASN A 565 8.88 -19.50 -39.67
CA ASN A 565 9.06 -18.45 -40.66
C ASN A 565 10.02 -18.97 -41.71
N PRO A 566 9.61 -20.03 -42.43
CA PRO A 566 10.46 -20.60 -43.47
C PRO A 566 10.93 -19.48 -44.37
N GLU A 567 10.13 -18.44 -44.45
CA GLU A 567 10.43 -17.29 -45.26
C GLU A 567 11.74 -16.63 -44.80
N GLY A 568 11.89 -16.46 -43.49
CA GLY A 568 13.10 -15.87 -42.96
C GLY A 568 14.27 -16.81 -43.22
N LEU A 569 14.03 -18.08 -42.97
CA LEU A 569 15.04 -19.11 -43.19
C LEU A 569 15.41 -19.12 -44.67
N ASP A 570 14.40 -19.23 -45.53
CA ASP A 570 14.63 -19.22 -46.97
C ASP A 570 15.44 -18.00 -47.36
N TYR A 571 14.99 -16.83 -46.89
CA TYR A 571 15.66 -15.56 -47.17
C TYR A 571 17.13 -15.65 -46.74
N ALA A 572 17.34 -16.13 -45.52
CA ALA A 572 18.69 -16.27 -44.98
C ALA A 572 19.53 -17.15 -45.92
N TRP A 573 19.04 -18.34 -46.23
CA TRP A 573 19.70 -19.27 -47.13
C TRP A 573 19.92 -18.58 -48.47
N LYS A 574 18.82 -18.06 -49.01
CA LYS A 574 18.76 -17.34 -50.28
C LYS A 574 19.43 -15.98 -50.15
N ALA A 575 20.55 -15.91 -49.43
CA ALA A 575 21.26 -14.64 -49.23
C ALA A 575 22.64 -14.86 -48.62
N GLY A 576 22.99 -16.12 -48.39
CA GLY A 576 24.31 -16.44 -47.83
C GLY A 576 24.62 -16.23 -46.35
N PHE A 577 23.62 -16.23 -45.46
CA PHE A 577 23.91 -16.04 -44.04
C PHE A 577 24.69 -17.24 -43.53
N ARG A 578 25.54 -17.01 -42.54
CA ARG A 578 26.30 -18.07 -41.93
C ARG A 578 25.37 -18.67 -40.83
N LEU A 579 24.45 -19.52 -41.27
CA LEU A 579 23.47 -20.18 -40.39
C LEU A 579 24.08 -21.14 -39.40
N LEU A 580 23.63 -21.01 -38.14
CA LEU A 580 24.11 -21.86 -37.05
C LEU A 580 22.97 -22.19 -36.08
N PRO A 581 23.17 -23.22 -35.25
CA PRO A 581 22.15 -23.60 -34.26
C PRO A 581 22.29 -22.58 -33.13
N PRO A 582 21.17 -22.23 -32.48
CA PRO A 582 21.14 -21.25 -31.38
C PRO A 582 22.21 -21.36 -30.29
N GLU A 583 22.53 -22.59 -29.89
CA GLU A 583 23.54 -22.78 -28.85
C GLU A 583 24.94 -22.35 -29.33
N GLU A 584 25.11 -22.11 -30.62
CA GLU A 584 26.43 -21.65 -31.04
C GLU A 584 26.44 -20.28 -31.71
N ALA A 585 25.31 -19.83 -32.24
CA ALA A 585 25.25 -18.49 -32.83
C ALA A 585 25.13 -17.42 -31.73
N GLY A 586 25.93 -16.37 -31.82
CA GLY A 586 25.82 -15.29 -30.86
C GLY A 586 24.78 -14.25 -31.30
N LEU A 587 24.14 -14.49 -32.45
CA LEU A 587 23.12 -13.56 -32.96
C LEU A 587 21.88 -14.34 -33.37
N TRP A 588 20.70 -13.92 -32.91
CA TRP A 588 19.47 -14.63 -33.25
C TRP A 588 18.50 -13.73 -33.96
N LEU A 589 17.77 -14.27 -34.92
CA LEU A 589 16.80 -13.48 -35.67
C LEU A 589 15.40 -13.93 -35.30
N GLY A 590 15.31 -14.80 -34.30
CA GLY A 590 14.02 -15.32 -33.89
C GLY A 590 14.26 -16.06 -32.60
N LEU A 591 13.19 -16.66 -32.09
CA LEU A 591 13.25 -17.37 -30.82
C LEU A 591 13.35 -18.89 -30.98
N PRO A 592 14.29 -19.51 -30.27
CA PRO A 592 14.34 -20.97 -30.44
C PRO A 592 13.12 -21.63 -29.78
N PRO A 593 12.82 -22.87 -30.16
CA PRO A 593 11.68 -23.58 -29.58
C PRO A 593 11.84 -23.95 -28.11
N ARG A 594 13.07 -24.32 -27.71
CA ARG A 594 13.33 -24.71 -26.34
C ARG A 594 14.48 -23.91 -25.76
N PRO A 595 14.60 -23.89 -24.44
CA PRO A 595 15.69 -23.12 -23.85
C PRO A 595 17.11 -23.39 -24.35
N VAL A 596 17.88 -22.32 -24.40
CA VAL A 596 19.28 -22.36 -24.79
C VAL A 596 19.95 -21.37 -23.83
N LEU A 597 20.43 -21.90 -22.71
CA LEU A 597 21.06 -21.09 -21.66
C LEU A 597 22.59 -21.20 -21.65
N GLY A 598 23.24 -20.40 -20.82
CA GLY A 598 24.70 -20.41 -20.81
C GLY A 598 25.12 -19.98 -22.21
N ARG A 599 24.50 -18.89 -22.66
CA ARG A 599 24.70 -18.36 -24.00
C ARG A 599 25.27 -16.97 -24.10
N ARG A 600 24.45 -15.99 -23.74
CA ARG A 600 24.78 -14.57 -23.83
C ARG A 600 24.73 -14.31 -25.34
N VAL A 601 23.56 -13.88 -25.77
CA VAL A 601 23.32 -13.63 -27.18
C VAL A 601 22.59 -12.34 -27.45
N GLU A 602 22.59 -11.94 -28.72
CA GLU A 602 21.89 -10.72 -29.14
C GLU A 602 20.72 -11.23 -29.94
N VAL A 603 19.54 -10.71 -29.62
CA VAL A 603 18.34 -11.18 -30.27
C VAL A 603 17.56 -10.11 -30.96
N ALA A 604 17.17 -10.41 -32.18
CA ALA A 604 16.37 -9.51 -32.98
C ALA A 604 15.14 -10.33 -33.35
N LEU A 605 14.04 -9.65 -33.65
CA LEU A 605 12.83 -10.36 -34.05
C LEU A 605 12.56 -9.90 -35.45
N GLY A 606 12.27 -8.61 -35.53
CA GLY A 606 11.99 -8.00 -36.80
C GLY A 606 11.12 -6.76 -36.71
N ARG A 607 10.52 -6.45 -37.85
CA ARG A 607 9.65 -5.31 -38.03
C ARG A 607 8.52 -5.84 -38.93
N GLU A 608 8.88 -6.82 -39.76
CA GLU A 608 7.95 -7.48 -40.68
C GLU A 608 8.27 -8.97 -40.63
N ALA A 609 9.16 -9.35 -39.72
CA ALA A 609 9.55 -10.73 -39.55
C ALA A 609 8.37 -11.50 -39.00
N ARG A 610 8.37 -12.80 -39.22
CA ARG A 610 7.32 -13.65 -38.73
C ARG A 610 7.48 -13.81 -37.22
N ALA A 611 8.72 -13.73 -36.75
CA ALA A 611 9.00 -13.85 -35.32
C ALA A 611 8.17 -12.80 -34.59
N ARG A 612 8.22 -11.57 -35.08
CA ARG A 612 7.47 -10.49 -34.49
C ARG A 612 5.98 -10.80 -34.44
N LEU A 613 5.53 -11.67 -35.34
CA LEU A 613 4.12 -12.03 -35.37
C LEU A 613 3.72 -12.91 -34.20
N SER A 614 4.12 -12.44 -33.01
CA SER A 614 3.80 -13.05 -31.71
C SER A 614 2.97 -11.90 -31.16
N ALA A 615 2.61 -11.02 -32.08
CA ALA A 615 1.79 -9.87 -31.82
C ALA A 615 0.35 -10.13 -32.29
N PRO A 616 0.02 -11.35 -32.73
CA PRO A 616 -1.36 -11.53 -33.16
C PRO A 616 -2.34 -11.79 -32.02
N PRO A 617 -3.54 -11.21 -32.11
CA PRO A 617 -4.56 -11.39 -31.08
C PRO A 617 -4.91 -12.86 -30.96
N VAL A 618 -4.98 -13.34 -29.72
CA VAL A 618 -5.25 -14.74 -29.43
C VAL A 618 -6.70 -15.22 -29.57
N LEU A 619 -7.02 -16.24 -28.76
CA LEU A 619 -8.36 -16.86 -28.69
C LEU A 619 -8.70 -17.05 -27.21
N HIS A 620 -8.57 -15.92 -26.50
CA HIS A 620 -8.83 -15.70 -25.08
C HIS A 620 -9.26 -16.75 -24.09
N THR A 621 -9.71 -16.23 -22.95
CA THR A 621 -10.21 -16.94 -21.78
C THR A 621 -9.27 -18.01 -21.17
N PRO A 622 -9.09 -19.18 -21.81
CA PRO A 622 -8.16 -20.05 -21.07
C PRO A 622 -6.80 -19.44 -20.79
N GLU A 623 -5.83 -20.31 -20.49
CA GLU A 623 -4.47 -19.88 -20.21
C GLU A 623 -3.86 -19.28 -21.46
N ALA A 624 -4.73 -18.95 -22.42
CA ALA A 624 -4.30 -18.32 -23.65
C ALA A 624 -3.88 -16.91 -23.23
N ARG A 625 -4.48 -16.44 -22.14
CA ARG A 625 -4.18 -15.12 -21.61
C ARG A 625 -2.81 -15.11 -20.96
N LEU A 626 -2.37 -16.26 -20.44
CA LEU A 626 -1.05 -16.34 -19.83
C LEU A 626 -0.05 -16.14 -20.99
N LYS A 627 -0.32 -16.79 -22.12
CA LYS A 627 0.56 -16.68 -23.27
C LYS A 627 0.62 -15.25 -23.74
N ALA A 628 -0.56 -14.66 -23.84
CA ALA A 628 -0.67 -13.27 -24.29
C ALA A 628 0.11 -12.34 -23.38
N LEU A 629 0.09 -12.58 -22.07
CA LEU A 629 0.86 -11.72 -21.17
C LEU A 629 2.37 -11.83 -21.48
N VAL A 630 2.84 -13.06 -21.64
CA VAL A 630 4.26 -13.30 -21.96
C VAL A 630 4.65 -12.63 -23.28
N HIS A 631 3.79 -12.75 -24.28
CA HIS A 631 4.03 -12.10 -25.58
C HIS A 631 4.15 -10.60 -25.49
N ARG A 632 3.20 -9.96 -24.81
CA ARG A 632 3.24 -8.51 -24.64
C ARG A 632 4.51 -8.11 -23.89
N ARG A 633 4.91 -8.92 -22.90
CA ARG A 633 6.15 -8.65 -22.16
C ARG A 633 7.34 -8.72 -23.10
N LEU A 634 7.41 -9.79 -23.89
CA LEU A 634 8.53 -9.97 -24.83
C LEU A 634 8.66 -8.79 -25.76
N LEU A 635 7.55 -8.44 -26.40
CA LEU A 635 7.54 -7.30 -27.32
C LEU A 635 7.92 -6.02 -26.62
N PHE A 636 7.39 -5.81 -25.41
CA PHE A 636 7.70 -4.58 -24.67
C PHE A 636 9.19 -4.51 -24.34
N ALA A 637 9.73 -5.57 -23.74
CA ALA A 637 11.15 -5.60 -23.40
C ALA A 637 12.02 -5.53 -24.64
N TYR A 638 11.56 -6.10 -25.74
CA TYR A 638 12.35 -6.04 -26.98
C TYR A 638 12.44 -4.59 -27.44
N GLU A 639 11.29 -3.93 -27.63
CA GLU A 639 11.26 -2.53 -28.06
C GLU A 639 12.05 -1.60 -27.12
N ARG A 640 12.02 -1.88 -25.82
CA ARG A 640 12.74 -1.03 -24.87
C ARG A 640 14.20 -1.47 -24.70
N ARG A 641 14.63 -2.49 -25.43
CA ARG A 641 16.01 -2.98 -25.30
C ARG A 641 16.33 -3.26 -23.83
N HIS A 642 15.42 -3.94 -23.13
CA HIS A 642 15.66 -4.22 -21.73
C HIS A 642 16.09 -5.68 -21.57
N PRO A 643 17.41 -5.92 -21.48
CA PRO A 643 17.97 -7.27 -21.35
C PRO A 643 17.42 -8.14 -20.23
N GLY A 644 17.26 -7.58 -19.03
CA GLY A 644 16.74 -8.36 -17.92
C GLY A 644 15.31 -8.85 -18.09
N LEU A 645 14.40 -7.93 -18.46
CA LEU A 645 12.97 -8.22 -18.67
C LEU A 645 12.75 -9.12 -19.88
N PHE A 646 13.53 -8.88 -20.91
CA PHE A 646 13.42 -9.68 -22.13
C PHE A 646 13.87 -11.09 -21.82
N SER A 647 15.01 -11.19 -21.12
CA SER A 647 15.57 -12.49 -20.74
C SER A 647 14.57 -13.21 -19.85
N GLU A 648 13.99 -12.50 -18.89
CA GLU A 648 13.05 -13.12 -17.98
C GLU A 648 11.84 -13.62 -18.74
N ALA A 649 11.34 -12.75 -19.62
CA ALA A 649 10.18 -13.04 -20.43
C ALA A 649 10.42 -14.22 -21.35
N LEU A 650 11.66 -14.34 -21.83
CA LEU A 650 12.00 -15.44 -22.73
C LEU A 650 11.92 -16.76 -21.96
N LEU A 651 12.39 -16.77 -20.71
CA LEU A 651 12.30 -18.00 -19.92
C LEU A 651 10.82 -18.41 -19.75
N ALA A 652 9.95 -17.45 -19.49
CA ALA A 652 8.53 -17.79 -19.32
C ALA A 652 8.01 -18.28 -20.66
N TYR A 653 8.50 -17.67 -21.73
CA TYR A 653 8.11 -18.04 -23.09
C TYR A 653 8.43 -19.51 -23.39
N TRP A 654 9.63 -19.98 -23.02
CA TRP A 654 9.98 -21.38 -23.26
C TRP A 654 8.95 -22.23 -22.50
N GLU A 655 8.71 -21.87 -21.25
CA GLU A 655 7.77 -22.61 -20.42
C GLU A 655 6.34 -22.67 -20.96
N VAL A 656 5.75 -21.53 -21.27
CA VAL A 656 4.38 -21.52 -21.78
C VAL A 656 4.25 -22.22 -23.13
N ASN A 657 5.28 -22.95 -23.53
CA ASN A 657 5.18 -23.65 -24.80
C ASN A 657 5.59 -25.10 -24.63
N ARG A 658 6.22 -25.42 -23.49
CA ARG A 658 6.66 -26.79 -23.26
C ARG A 658 5.47 -27.76 -23.33
MG MG B . -2.31 1.58 17.74
#